data_4R6X
#
_entry.id   4R6X
#
_cell.length_a   76.826
_cell.length_b   43.652
_cell.length_c   88.053
_cell.angle_alpha   90.00
_cell.angle_beta   107.79
_cell.angle_gamma   90.00
#
_symmetry.space_group_name_H-M   'P 1 2 1'
#
loop_
_entity.id
_entity.type
_entity.pdbx_description
1 polymer 'Phosphoethanolamine N-methyltransferase'
2 non-polymer 'PHOSPHORIC ACID MONO-(2-AMINO-ETHYL) ESTER'
3 non-polymer S-ADENOSYL-L-HOMOCYSTEINE
4 water water
#
_entity_poly.entity_id   1
_entity_poly.type   'polypeptide(L)'
_entity_poly.pdbx_seq_one_letter_code
;SDKTFLENNQYTDEGVKVYEFIFGENYISSGGLEATKKILSDIELNENSKVLDIGSGLGGGCMYINEKYGAHTHGIDICS
NIVNMANERVSGNNKIIFEANDILTKEFPENNFDLIYSRAAILHLSLENKNKLFQKCYKWLKPTGTLLITDYCATEKENW
DDEFKEYVKQRKYTLITVEEYADILTACNFKNVVSKDLSDYWNQLLEVEHKYLHENKEEFLKLFSEKKFISLDDGWSRKI
KDSKRKMQRWGYFKATKN
;
_entity_poly.pdbx_strand_id   A,B
#
# COMPACT_ATOMS: atom_id res chain seq x y z
N SER A 1 25.94 -2.38 -14.02
CA SER A 1 24.82 -3.21 -13.57
C SER A 1 23.62 -2.33 -13.28
N ASP A 2 23.73 -1.49 -12.25
CA ASP A 2 22.72 -0.47 -11.98
C ASP A 2 22.73 0.56 -13.11
N LYS A 3 23.93 0.91 -13.56
CA LYS A 3 24.12 1.86 -14.65
C LYS A 3 23.58 1.30 -15.96
N THR A 4 23.88 0.05 -16.25
CA THR A 4 23.43 -0.61 -17.47
CA THR A 4 23.44 -0.59 -17.48
C THR A 4 21.91 -0.75 -17.50
N PHE A 5 21.33 -1.09 -16.36
CA PHE A 5 19.88 -1.26 -16.26
C PHE A 5 19.13 0.03 -16.56
N LEU A 6 19.61 1.13 -16.00
CA LEU A 6 18.97 2.43 -16.18
C LEU A 6 19.12 2.96 -17.59
N GLU A 7 20.32 2.83 -18.15
CA GLU A 7 20.61 3.31 -19.50
C GLU A 7 19.85 2.54 -20.59
N ASN A 8 19.66 1.24 -20.35
CA ASN A 8 19.08 0.36 -21.37
C ASN A 8 17.57 0.18 -21.28
N ASN A 9 16.95 0.77 -20.26
CA ASN A 9 15.51 0.62 -20.07
C ASN A 9 14.77 1.93 -19.82
N GLN A 10 14.68 2.33 -18.56
CA GLN A 10 13.92 3.51 -18.19
C GLN A 10 14.53 4.79 -18.76
N TYR A 11 15.85 4.86 -18.79
CA TYR A 11 16.53 6.07 -19.23
C TYR A 11 17.35 5.88 -20.51
N THR A 12 16.70 5.35 -21.54
CA THR A 12 17.29 5.36 -22.87
C THR A 12 17.15 6.80 -23.38
N ASP A 13 17.86 7.14 -24.45
CA ASP A 13 17.75 8.48 -25.02
C ASP A 13 16.30 8.78 -25.40
N GLU A 14 15.61 7.79 -25.94
CA GLU A 14 14.23 7.96 -26.38
C GLU A 14 13.27 8.02 -25.20
N GLY A 15 13.52 7.20 -24.18
CA GLY A 15 12.68 7.17 -23.00
C GLY A 15 12.72 8.48 -22.23
N VAL A 16 13.87 9.14 -22.26
CA VAL A 16 14.04 10.42 -21.56
C VAL A 16 13.38 11.56 -22.32
N LYS A 17 13.49 11.52 -23.65
CA LYS A 17 12.85 12.50 -24.51
C LYS A 17 11.32 12.44 -24.36
N VAL A 18 10.81 11.23 -24.14
CA VAL A 18 9.40 11.03 -23.86
C VAL A 18 9.04 11.68 -22.52
N TYR A 19 9.89 11.46 -21.52
CA TYR A 19 9.71 12.07 -20.21
C TYR A 19 9.80 13.60 -20.29
N GLU A 20 10.78 14.10 -21.04
CA GLU A 20 11.02 15.53 -21.14
C GLU A 20 9.83 16.26 -21.78
N PHE A 21 9.20 15.62 -22.75
CA PHE A 21 8.05 16.21 -23.44
C PHE A 21 6.93 16.56 -22.47
N ILE A 22 6.68 15.69 -21.50
CA ILE A 22 5.59 15.87 -20.56
C ILE A 22 6.01 16.61 -19.29
N PHE A 23 7.28 16.47 -18.92
CA PHE A 23 7.81 17.12 -17.72
C PHE A 23 8.17 18.57 -17.98
N GLY A 24 8.75 18.84 -19.14
CA GLY A 24 9.21 20.16 -19.49
C GLY A 24 10.65 20.11 -19.94
N GLU A 25 11.08 21.10 -20.71
CA GLU A 25 12.43 21.14 -21.26
C GLU A 25 13.49 21.05 -20.17
N ASN A 26 14.43 20.13 -20.35
CA ASN A 26 15.56 19.89 -19.44
C ASN A 26 15.19 19.21 -18.11
N TYR A 27 14.04 18.54 -18.04
CA TYR A 27 13.63 17.88 -16.80
C TYR A 27 13.17 16.44 -16.99
N ILE A 28 13.34 15.63 -15.94
CA ILE A 28 12.86 14.25 -15.94
C ILE A 28 12.06 13.95 -14.66
N SER A 29 11.53 15.00 -14.03
CA SER A 29 10.72 14.84 -12.83
C SER A 29 9.51 15.79 -12.83
N SER A 30 8.52 15.48 -12.01
CA SER A 30 7.24 16.19 -12.03
C SER A 30 7.31 17.68 -11.70
N GLY A 31 6.51 18.47 -12.40
CA GLY A 31 6.42 19.90 -12.18
C GLY A 31 7.42 20.68 -13.00
N GLY A 32 8.50 20.01 -13.41
CA GLY A 32 9.53 20.62 -14.23
C GLY A 32 10.17 21.84 -13.58
N LEU A 33 10.15 22.95 -14.31
CA LEU A 33 10.75 24.19 -13.84
C LEU A 33 9.92 24.83 -12.72
N GLU A 34 8.61 24.82 -12.88
CA GLU A 34 7.72 25.47 -11.93
C GLU A 34 7.73 24.84 -10.53
N ALA A 35 7.97 23.52 -10.47
CA ALA A 35 8.08 22.85 -9.19
C ALA A 35 9.46 23.12 -8.58
N THR A 36 10.47 23.14 -9.44
CA THR A 36 11.84 23.46 -9.01
C THR A 36 11.90 24.85 -8.39
N LYS A 37 11.19 25.79 -9.00
CA LYS A 37 11.13 27.16 -8.49
C LYS A 37 10.54 27.21 -7.08
N LYS A 38 9.52 26.40 -6.83
CA LYS A 38 8.84 26.39 -5.54
C LYS A 38 9.66 25.66 -4.47
N ILE A 39 10.34 24.60 -4.88
CA ILE A 39 11.20 23.84 -3.97
C ILE A 39 12.36 24.70 -3.46
N LEU A 40 12.86 25.57 -4.32
CA LEU A 40 14.01 26.43 -3.98
C LEU A 40 13.61 27.83 -3.56
N SER A 41 12.33 28.03 -3.23
CA SER A 41 11.82 29.36 -2.90
C SER A 41 12.40 29.92 -1.61
N ASP A 42 12.67 29.05 -0.64
CA ASP A 42 13.19 29.48 0.65
C ASP A 42 14.69 29.17 0.80
N ILE A 43 15.32 28.79 -0.30
CA ILE A 43 16.76 28.49 -0.30
C ILE A 43 17.58 29.75 -0.58
N GLU A 44 18.56 30.01 0.26
CA GLU A 44 19.42 31.18 0.09
C GLU A 44 20.85 30.79 -0.33
N LEU A 45 21.23 31.20 -1.54
CA LEU A 45 22.56 30.95 -2.06
C LEU A 45 23.02 32.17 -2.85
N ASN A 46 24.30 32.21 -3.20
CA ASN A 46 24.83 33.28 -4.04
C ASN A 46 25.94 32.79 -4.97
N GLU A 47 26.74 33.71 -5.49
CA GLU A 47 27.76 33.38 -6.48
C GLU A 47 28.92 32.56 -5.91
N ASN A 48 29.01 32.49 -4.59
CA ASN A 48 30.11 31.76 -3.95
C ASN A 48 29.69 30.40 -3.40
N SER A 49 28.43 30.04 -3.62
CA SER A 49 27.89 28.78 -3.10
C SER A 49 28.25 27.60 -3.99
N LYS A 50 28.55 26.47 -3.35
CA LYS A 50 28.81 25.23 -4.07
C LYS A 50 27.63 24.28 -3.90
N VAL A 51 27.11 23.79 -5.03
CA VAL A 51 25.89 22.98 -5.02
C VAL A 51 26.12 21.61 -5.66
N LEU A 52 25.64 20.56 -4.99
CA LEU A 52 25.69 19.20 -5.54
C LEU A 52 24.29 18.75 -5.95
N ASP A 53 24.16 18.30 -7.20
CA ASP A 53 22.89 17.80 -7.71
C ASP A 53 22.99 16.29 -7.97
N ILE A 54 22.56 15.50 -7.00
CA ILE A 54 22.59 14.04 -7.14
C ILE A 54 21.45 13.58 -8.04
N GLY A 55 21.81 12.97 -9.17
CA GLY A 55 20.84 12.62 -10.18
C GLY A 55 20.38 13.86 -10.91
N SER A 56 21.33 14.55 -11.53
CA SER A 56 21.06 15.82 -12.20
C SER A 56 20.20 15.69 -13.45
N GLY A 57 20.32 14.55 -14.14
CA GLY A 57 19.52 14.30 -15.33
C GLY A 57 19.90 15.18 -16.50
N LEU A 58 18.91 15.88 -17.05
CA LEU A 58 19.15 16.77 -18.19
C LEU A 58 19.71 18.12 -17.76
N GLY A 59 19.86 18.30 -16.45
CA GLY A 59 20.53 19.47 -15.92
C GLY A 59 19.64 20.68 -15.65
N GLY A 60 18.33 20.51 -15.81
CA GLY A 60 17.39 21.59 -15.59
C GLY A 60 17.49 22.22 -14.21
N GLY A 61 17.78 21.39 -13.22
CA GLY A 61 17.95 21.86 -11.85
C GLY A 61 19.19 22.72 -11.70
N CYS A 62 20.31 22.26 -12.27
CA CYS A 62 21.56 23.00 -12.21
C CYS A 62 21.47 24.32 -12.99
N MET A 63 20.76 24.30 -14.12
CA MET A 63 20.60 25.49 -14.93
C MET A 63 19.85 26.57 -14.15
N TYR A 64 18.85 26.16 -13.39
CA TYR A 64 18.04 27.09 -12.62
C TYR A 64 18.77 27.62 -11.39
N ILE A 65 19.43 26.73 -10.66
CA ILE A 65 20.17 27.12 -9.47
C ILE A 65 21.29 28.10 -9.81
N ASN A 66 21.97 27.85 -10.91
CA ASN A 66 23.02 28.75 -11.38
C ASN A 66 22.45 30.08 -11.87
N GLU A 67 21.33 30.03 -12.58
CA GLU A 67 20.70 31.24 -13.09
C GLU A 67 20.19 32.13 -11.97
N LYS A 68 19.56 31.51 -10.98
CA LYS A 68 18.95 32.25 -9.88
C LYS A 68 19.96 32.77 -8.87
N TYR A 69 20.94 31.94 -8.52
CA TYR A 69 21.88 32.27 -7.45
C TYR A 69 23.26 32.67 -7.96
N GLY A 70 23.65 32.15 -9.11
CA GLY A 70 24.98 32.38 -9.62
C GLY A 70 25.97 31.42 -8.98
N ALA A 71 25.45 30.37 -8.36
CA ALA A 71 26.27 29.43 -7.61
C ALA A 71 26.92 28.37 -8.49
N HIS A 72 28.02 27.78 -7.99
CA HIS A 72 28.69 26.70 -8.68
CA HIS A 72 28.69 26.70 -8.70
C HIS A 72 27.88 25.41 -8.54
N THR A 73 27.41 24.87 -9.66
CA THR A 73 26.61 23.65 -9.61
C THR A 73 27.36 22.44 -10.16
N HIS A 74 27.46 21.40 -9.35
CA HIS A 74 28.07 20.14 -9.77
C HIS A 74 26.98 19.07 -9.82
N GLY A 75 26.72 18.55 -11.02
CA GLY A 75 25.69 17.54 -11.20
C GLY A 75 26.23 16.16 -11.47
N ILE A 76 25.82 15.20 -10.65
CA ILE A 76 26.22 13.81 -10.81
C ILE A 76 25.05 12.95 -11.27
N ASP A 77 25.25 12.19 -12.34
CA ASP A 77 24.24 11.26 -12.82
C ASP A 77 24.91 9.98 -13.30
N ILE A 78 24.33 8.83 -12.96
CA ILE A 78 24.95 7.54 -13.26
C ILE A 78 24.85 7.16 -14.75
N CYS A 79 23.89 7.74 -15.45
CA CYS A 79 23.70 7.42 -16.87
C CYS A 79 24.55 8.33 -17.77
N SER A 80 25.47 7.71 -18.51
CA SER A 80 26.37 8.45 -19.38
CA SER A 80 26.37 8.45 -19.38
C SER A 80 25.64 9.14 -20.52
N ASN A 81 24.68 8.44 -21.12
CA ASN A 81 23.92 8.98 -22.25
C ASN A 81 23.14 10.24 -21.89
N ILE A 82 22.67 10.31 -20.65
CA ILE A 82 21.91 11.46 -20.19
CA ILE A 82 21.91 11.46 -20.20
C ILE A 82 22.82 12.66 -19.96
N VAL A 83 23.98 12.41 -19.37
CA VAL A 83 24.97 13.44 -19.13
C VAL A 83 25.43 14.06 -20.45
N ASN A 84 25.60 13.21 -21.46
CA ASN A 84 25.96 13.67 -22.79
C ASN A 84 24.90 14.60 -23.38
N MET A 85 23.63 14.34 -23.07
CA MET A 85 22.54 15.20 -23.51
C MET A 85 22.55 16.51 -22.73
N ALA A 86 22.86 16.43 -21.44
CA ALA A 86 22.86 17.61 -20.58
C ALA A 86 23.99 18.58 -20.93
N ASN A 87 25.16 18.03 -21.26
CA ASN A 87 26.30 18.86 -21.64
C ASN A 87 26.09 19.62 -22.94
N GLU A 88 25.22 19.10 -23.80
CA GLU A 88 24.92 19.73 -25.08
C GLU A 88 23.86 20.82 -24.95
N ARG A 89 23.43 21.08 -23.73
CA ARG A 89 22.41 22.10 -23.47
C ARG A 89 23.01 23.29 -22.72
N VAL A 90 24.27 23.17 -22.31
CA VAL A 90 24.97 24.24 -21.62
C VAL A 90 26.33 24.52 -22.28
N SER A 91 26.58 25.79 -22.58
CA SER A 91 27.84 26.18 -23.20
C SER A 91 28.32 27.54 -22.67
N GLY A 92 29.63 27.65 -22.48
CA GLY A 92 30.23 28.90 -22.03
C GLY A 92 29.95 29.22 -20.58
N ASN A 93 29.75 28.19 -19.76
CA ASN A 93 29.49 28.37 -18.35
C ASN A 93 30.34 27.42 -17.49
N ASN A 94 31.39 27.95 -16.88
CA ASN A 94 32.30 27.13 -16.09
C ASN A 94 31.82 26.88 -14.67
N LYS A 95 30.62 27.34 -14.35
CA LYS A 95 30.05 27.14 -13.02
C LYS A 95 28.91 26.11 -13.05
N ILE A 96 28.80 25.40 -14.19
CA ILE A 96 27.88 24.27 -14.30
C ILE A 96 28.63 23.04 -14.80
N ILE A 97 28.78 22.05 -13.92
CA ILE A 97 29.50 20.82 -14.25
C ILE A 97 28.58 19.62 -14.20
N PHE A 98 28.61 18.81 -15.25
CA PHE A 98 27.87 17.55 -15.28
C PHE A 98 28.86 16.39 -15.36
N GLU A 99 28.70 15.41 -14.47
CA GLU A 99 29.61 14.28 -14.41
C GLU A 99 28.87 12.95 -14.39
N ALA A 100 29.26 12.05 -15.29
CA ALA A 100 28.70 10.71 -15.34
C ALA A 100 29.39 9.81 -14.32
N ASN A 101 28.69 9.49 -13.24
CA ASN A 101 29.25 8.69 -12.17
C ASN A 101 28.20 8.19 -11.20
N ASP A 102 28.46 7.05 -10.57
CA ASP A 102 27.61 6.55 -9.49
C ASP A 102 27.87 7.41 -8.26
N ILE A 103 26.82 7.92 -7.64
CA ILE A 103 26.97 8.79 -6.49
C ILE A 103 27.47 8.01 -5.27
N LEU A 104 27.23 6.71 -5.26
CA LEU A 104 27.62 5.86 -4.15
C LEU A 104 29.12 5.61 -4.11
N THR A 105 29.79 5.80 -5.24
CA THR A 105 31.22 5.56 -5.35
C THR A 105 31.98 6.86 -5.60
N LYS A 106 31.25 7.96 -5.76
CA LYS A 106 31.87 9.27 -5.98
C LYS A 106 32.41 9.85 -4.68
N GLU A 107 33.63 10.37 -4.74
CA GLU A 107 34.27 10.94 -3.55
C GLU A 107 34.29 12.47 -3.58
N PHE A 108 33.82 13.07 -2.50
CA PHE A 108 33.88 14.52 -2.33
C PHE A 108 34.59 14.85 -1.01
N PRO A 109 35.27 16.01 -0.97
CA PRO A 109 35.92 16.45 0.27
C PRO A 109 34.88 16.68 1.36
N GLU A 110 35.23 16.39 2.61
CA GLU A 110 34.33 16.63 3.74
C GLU A 110 34.14 18.14 3.89
N ASN A 111 32.93 18.56 4.28
CA ASN A 111 32.59 19.97 4.42
C ASN A 111 32.82 20.75 3.14
N ASN A 112 32.13 20.36 2.07
CA ASN A 112 32.35 20.95 0.76
C ASN A 112 31.16 21.74 0.20
N PHE A 113 29.96 21.18 0.33
CA PHE A 113 28.78 21.77 -0.30
C PHE A 113 27.92 22.59 0.65
N ASP A 114 27.44 23.73 0.17
CA ASP A 114 26.48 24.52 0.92
C ASP A 114 25.11 23.90 0.76
N LEU A 115 24.87 23.29 -0.40
CA LEU A 115 23.60 22.65 -0.69
C LEU A 115 23.79 21.33 -1.42
N ILE A 116 23.22 20.27 -0.87
CA ILE A 116 23.12 19.00 -1.58
C ILE A 116 21.67 18.81 -2.01
N TYR A 117 21.48 18.68 -3.32
CA TYR A 117 20.16 18.77 -3.93
C TYR A 117 19.86 17.55 -4.79
N SER A 118 18.71 16.93 -4.57
CA SER A 118 18.34 15.73 -5.33
C SER A 118 16.84 15.64 -5.56
N ARG A 119 16.45 15.42 -6.81
CA ARG A 119 15.04 15.31 -7.18
C ARG A 119 14.78 14.00 -7.91
N ALA A 120 13.93 13.16 -7.31
CA ALA A 120 13.48 11.91 -7.94
C ALA A 120 14.61 11.01 -8.43
N ALA A 121 15.62 10.81 -7.58
CA ALA A 121 16.79 10.03 -7.97
C ALA A 121 17.10 8.90 -6.98
N ILE A 122 16.97 9.21 -5.70
CA ILE A 122 17.34 8.29 -4.63
C ILE A 122 16.43 7.05 -4.56
N LEU A 123 15.25 7.16 -5.17
CA LEU A 123 14.32 6.03 -5.24
C LEU A 123 14.91 4.82 -5.97
N HIS A 124 15.93 5.06 -6.78
CA HIS A 124 16.60 3.98 -7.49
C HIS A 124 17.56 3.22 -6.57
N LEU A 125 17.86 3.81 -5.42
CA LEU A 125 18.79 3.21 -4.47
CA LEU A 125 18.79 3.21 -4.47
C LEU A 125 18.08 2.27 -3.51
N SER A 126 18.74 1.17 -3.16
CA SER A 126 18.21 0.24 -2.19
C SER A 126 18.23 0.90 -0.81
N LEU A 127 17.46 0.35 0.12
CA LEU A 127 17.37 0.92 1.47
C LEU A 127 18.74 1.03 2.13
N GLU A 128 19.59 0.04 1.88
CA GLU A 128 20.94 0.04 2.42
C GLU A 128 21.78 1.16 1.81
N ASN A 129 21.59 1.38 0.52
CA ASN A 129 22.33 2.43 -0.18
C ASN A 129 21.77 3.84 0.05
N LYS A 130 20.51 3.93 0.49
CA LYS A 130 19.94 5.21 0.89
C LYS A 130 20.69 5.67 2.13
N ASN A 131 20.80 4.77 3.11
CA ASN A 131 21.47 5.08 4.36
CA ASN A 131 21.48 5.05 4.37
C ASN A 131 22.95 5.40 4.15
N LYS A 132 23.60 4.67 3.25
CA LYS A 132 25.02 4.90 2.94
CA LYS A 132 25.01 4.90 2.98
C LYS A 132 25.22 6.26 2.29
N LEU A 133 24.27 6.65 1.45
CA LEU A 133 24.35 7.92 0.74
C LEU A 133 24.19 9.09 1.69
N PHE A 134 23.22 8.99 2.59
CA PHE A 134 22.92 10.07 3.52
C PHE A 134 24.01 10.26 4.58
N GLN A 135 24.77 9.20 4.84
CA GLN A 135 25.95 9.30 5.68
C GLN A 135 27.02 10.08 4.93
N LYS A 136 27.09 9.87 3.62
CA LYS A 136 28.04 10.56 2.77
C LYS A 136 27.67 12.03 2.58
N CYS A 137 26.37 12.30 2.48
CA CYS A 137 25.89 13.67 2.33
C CYS A 137 26.19 14.50 3.58
N TYR A 138 26.02 13.87 4.74
CA TYR A 138 26.30 14.52 6.01
C TYR A 138 27.77 14.93 6.09
N LYS A 139 28.64 14.09 5.55
CA LYS A 139 30.07 14.38 5.50
C LYS A 139 30.36 15.51 4.50
N TRP A 140 29.72 15.43 3.33
CA TRP A 140 29.98 16.37 2.24
C TRP A 140 29.46 17.76 2.52
N LEU A 141 28.41 17.86 3.32
CA LEU A 141 27.83 19.16 3.66
C LEU A 141 28.79 20.01 4.50
N LYS A 142 28.83 21.30 4.21
CA LYS A 142 29.50 22.24 5.09
C LYS A 142 28.71 22.26 6.40
N PRO A 143 29.35 22.65 7.50
CA PRO A 143 28.66 22.76 8.79
C PRO A 143 27.42 23.63 8.70
N THR A 144 27.46 24.61 7.80
CA THR A 144 26.30 25.48 7.54
C THR A 144 25.49 24.97 6.35
N GLY A 145 25.79 23.76 5.90
CA GLY A 145 25.17 23.20 4.72
C GLY A 145 23.72 22.79 4.90
N THR A 146 23.06 22.50 3.78
CA THR A 146 21.65 22.14 3.79
C THR A 146 21.35 21.03 2.77
N LEU A 147 20.55 20.05 3.19
CA LEU A 147 20.16 18.94 2.33
C LEU A 147 18.71 19.10 1.86
N LEU A 148 18.49 19.09 0.55
CA LEU A 148 17.15 19.26 -0.02
C LEU A 148 16.78 18.12 -0.95
N ILE A 149 15.72 17.39 -0.62
CA ILE A 149 15.35 16.18 -1.35
CA ILE A 149 15.34 16.19 -1.37
C ILE A 149 13.86 16.09 -1.66
N THR A 150 13.52 15.81 -2.91
CA THR A 150 12.17 15.43 -3.30
C THR A 150 12.30 14.05 -3.93
N ASP A 151 11.42 13.13 -3.55
CA ASP A 151 11.58 11.74 -3.96
C ASP A 151 10.25 10.98 -3.93
N TYR A 152 10.15 9.92 -4.72
CA TYR A 152 8.99 9.04 -4.66
C TYR A 152 8.97 8.28 -3.34
N CYS A 153 7.83 8.33 -2.65
CA CYS A 153 7.63 7.53 -1.46
C CYS A 153 6.38 6.68 -1.65
N ALA A 154 5.95 6.01 -0.58
CA ALA A 154 4.78 5.15 -0.64
C ALA A 154 4.26 4.84 0.75
N THR A 155 3.04 4.31 0.82
CA THR A 155 2.51 3.78 2.06
C THR A 155 3.27 2.50 2.39
N GLU A 156 2.99 1.91 3.54
CA GLU A 156 3.66 0.67 3.95
C GLU A 156 3.50 -0.42 2.88
N LYS A 157 4.57 -1.16 2.64
CA LYS A 157 4.59 -2.19 1.60
C LYS A 157 3.49 -3.23 1.79
N GLU A 158 3.04 -3.38 3.03
CA GLU A 158 1.97 -4.31 3.37
C GLU A 158 0.64 -3.91 2.72
N ASN A 159 0.52 -2.65 2.32
CA ASN A 159 -0.73 -2.11 1.79
C ASN A 159 -0.77 -2.02 0.26
N TRP A 160 0.31 -2.40 -0.40
CA TRP A 160 0.39 -2.30 -1.85
C TRP A 160 -0.55 -3.28 -2.55
N ASP A 161 -1.16 -2.84 -3.64
CA ASP A 161 -1.97 -3.73 -4.47
C ASP A 161 -1.14 -4.33 -5.60
N ASP A 162 -1.75 -5.19 -6.40
CA ASP A 162 -1.02 -5.92 -7.44
C ASP A 162 -0.39 -5.02 -8.50
N GLU A 163 -1.12 -3.98 -8.92
CA GLU A 163 -0.61 -3.08 -9.94
C GLU A 163 0.59 -2.27 -9.46
N PHE A 164 0.55 -1.83 -8.20
CA PHE A 164 1.63 -1.02 -7.66
C PHE A 164 2.87 -1.86 -7.33
N LYS A 165 2.64 -3.09 -6.88
CA LYS A 165 3.75 -4.02 -6.63
C LYS A 165 4.53 -4.28 -7.90
N GLU A 166 3.80 -4.48 -9.00
CA GLU A 166 4.41 -4.75 -10.30
C GLU A 166 5.18 -3.53 -10.81
N TYR A 167 4.57 -2.36 -10.66
CA TYR A 167 5.20 -1.10 -11.06
C TYR A 167 6.52 -0.87 -10.35
N VAL A 168 6.53 -1.04 -9.03
CA VAL A 168 7.74 -0.87 -8.24
C VAL A 168 8.78 -1.94 -8.59
N LYS A 169 8.30 -3.15 -8.86
CA LYS A 169 9.18 -4.27 -9.21
C LYS A 169 9.89 -4.06 -10.54
N GLN A 170 9.14 -3.65 -11.56
CA GLN A 170 9.69 -3.47 -12.90
C GLN A 170 10.57 -2.23 -13.01
N ARG A 171 10.29 -1.23 -12.18
CA ARG A 171 11.11 -0.03 -12.14
C ARG A 171 12.35 -0.26 -11.29
N LYS A 172 12.35 -1.34 -10.53
CA LYS A 172 13.39 -1.64 -9.54
C LYS A 172 13.54 -0.51 -8.53
N TYR A 173 12.44 0.17 -8.24
CA TYR A 173 12.41 1.20 -7.22
C TYR A 173 12.49 0.56 -5.83
N THR A 174 13.02 1.31 -4.87
CA THR A 174 12.89 0.94 -3.48
C THR A 174 12.13 2.06 -2.79
N LEU A 175 10.83 1.86 -2.60
CA LEU A 175 9.97 2.92 -2.07
C LEU A 175 9.64 2.70 -0.61
N ILE A 176 10.13 3.60 0.24
CA ILE A 176 9.82 3.57 1.67
C ILE A 176 8.83 4.68 1.99
N THR A 177 8.35 4.70 3.23
CA THR A 177 7.42 5.75 3.64
C THR A 177 8.16 7.05 3.92
N VAL A 178 7.43 8.15 3.89
CA VAL A 178 8.01 9.46 4.19
C VAL A 178 8.56 9.46 5.61
N GLU A 179 7.92 8.68 6.48
CA GLU A 179 8.31 8.58 7.88
C GLU A 179 9.62 7.80 8.05
N GLU A 180 9.73 6.69 7.32
CA GLU A 180 10.95 5.88 7.35
C GLU A 180 12.11 6.65 6.72
N TYR A 181 11.78 7.49 5.74
CA TYR A 181 12.76 8.32 5.07
C TYR A 181 13.38 9.32 6.04
N ALA A 182 12.52 10.00 6.80
CA ALA A 182 12.96 11.01 7.74
C ALA A 182 13.78 10.43 8.89
N ASP A 183 13.43 9.22 9.32
CA ASP A 183 14.16 8.56 10.39
C ASP A 183 15.58 8.20 9.96
N ILE A 184 15.76 7.92 8.67
CA ILE A 184 17.08 7.68 8.12
C ILE A 184 17.93 8.94 8.25
N LEU A 185 17.36 10.07 7.87
CA LEU A 185 18.03 11.36 7.98
C LEU A 185 18.33 11.68 9.44
N THR A 186 17.41 11.33 10.33
CA THR A 186 17.61 11.54 11.77
C THR A 186 18.70 10.62 12.31
N ALA A 187 18.69 9.37 11.85
CA ALA A 187 19.70 8.39 12.26
C ALA A 187 21.09 8.81 11.77
N CYS A 188 21.14 9.57 10.68
CA CYS A 188 22.39 10.08 10.16
C CYS A 188 22.78 11.40 10.82
N ASN A 189 22.10 11.71 11.91
CA ASN A 189 22.37 12.92 12.71
C ASN A 189 22.13 14.26 12.01
N PHE A 190 21.27 14.27 11.01
CA PHE A 190 20.85 15.53 10.40
C PHE A 190 19.98 16.31 11.38
N LYS A 191 20.23 17.60 11.50
CA LYS A 191 19.44 18.47 12.37
C LYS A 191 18.32 19.13 11.59
N ASN A 192 17.29 19.57 12.31
CA ASN A 192 16.17 20.30 11.72
C ASN A 192 15.53 19.56 10.56
N VAL A 193 15.43 18.24 10.67
CA VAL A 193 14.84 17.41 9.63
C VAL A 193 13.36 17.73 9.45
N VAL A 194 13.01 18.24 8.27
CA VAL A 194 11.62 18.56 7.96
C VAL A 194 11.13 17.71 6.79
N SER A 195 10.13 16.88 7.05
CA SER A 195 9.55 16.02 6.02
C SER A 195 8.14 16.47 5.67
N LYS A 196 7.86 16.57 4.37
CA LYS A 196 6.54 16.96 3.91
C LYS A 196 5.95 15.92 2.97
N ASP A 197 4.73 15.48 3.26
CA ASP A 197 4.00 14.64 2.33
C ASP A 197 3.29 15.54 1.33
N LEU A 198 3.92 15.74 0.17
CA LEU A 198 3.37 16.63 -0.84
C LEU A 198 2.70 15.84 -1.97
N SER A 199 1.93 14.82 -1.61
CA SER A 199 1.28 13.98 -2.60
C SER A 199 0.10 14.68 -3.28
N ASP A 200 -0.51 15.64 -2.58
CA ASP A 200 -1.62 16.41 -3.13
C ASP A 200 -1.13 17.41 -4.16
N TYR A 201 -0.01 18.05 -3.84
CA TYR A 201 0.62 18.99 -4.76
C TYR A 201 1.18 18.24 -5.95
N TRP A 202 1.66 17.03 -5.72
CA TRP A 202 2.16 16.18 -6.79
C TRP A 202 1.01 15.77 -7.71
N ASN A 203 -0.11 15.41 -7.11
CA ASN A 203 -1.32 15.07 -7.86
C ASN A 203 -1.75 16.20 -8.77
N GLN A 204 -1.63 17.44 -8.28
CA GLN A 204 -1.93 18.62 -9.07
C GLN A 204 -1.00 18.75 -10.26
N LEU A 205 0.29 18.50 -10.02
CA LEU A 205 1.29 18.55 -11.08
C LEU A 205 1.01 17.51 -12.16
N LEU A 206 0.60 16.31 -11.72
CA LEU A 206 0.31 15.22 -12.64
C LEU A 206 -0.89 15.54 -13.52
N GLU A 207 -1.89 16.20 -12.96
CA GLU A 207 -3.10 16.57 -13.69
C GLU A 207 -2.80 17.56 -14.82
N VAL A 208 -1.92 18.51 -14.54
CA VAL A 208 -1.51 19.49 -15.54
C VAL A 208 -0.75 18.81 -16.67
N GLU A 209 0.18 17.94 -16.30
CA GLU A 209 0.99 17.21 -17.27
C GLU A 209 0.15 16.24 -18.09
N HIS A 210 -0.84 15.61 -17.45
CA HIS A 210 -1.74 14.69 -18.13
C HIS A 210 -2.59 15.47 -19.13
N LYS A 211 -3.09 16.62 -18.70
CA LYS A 211 -3.88 17.50 -19.56
C LYS A 211 -3.06 18.01 -20.74
N TYR A 212 -1.79 18.29 -20.49
CA TYR A 212 -0.88 18.76 -21.52
C TYR A 212 -0.66 17.70 -22.58
N LEU A 213 -0.45 16.46 -22.13
CA LEU A 213 -0.21 15.33 -23.03
C LEU A 213 -1.37 15.10 -23.98
N HIS A 214 -2.59 15.23 -23.46
CA HIS A 214 -3.79 15.04 -24.27
C HIS A 214 -3.98 16.17 -25.28
N GLU A 215 -3.65 17.40 -24.88
CA GLU A 215 -3.84 18.57 -25.73
C GLU A 215 -2.69 18.77 -26.72
N ASN A 216 -1.67 17.93 -26.62
CA ASN A 216 -0.54 17.97 -27.54
C ASN A 216 -0.25 16.60 -28.13
N LYS A 217 -1.29 15.78 -28.21
CA LYS A 217 -1.17 14.41 -28.70
C LYS A 217 -0.64 14.35 -30.13
N GLU A 218 -1.10 15.27 -30.97
CA GLU A 218 -0.68 15.31 -32.37
C GLU A 218 0.82 15.60 -32.49
N GLU A 219 1.30 16.56 -31.70
CA GLU A 219 2.73 16.88 -31.68
C GLU A 219 3.54 15.71 -31.12
N PHE A 220 2.96 15.01 -30.15
CA PHE A 220 3.64 13.88 -29.53
C PHE A 220 3.80 12.73 -30.53
N LEU A 221 2.76 12.45 -31.29
CA LEU A 221 2.76 11.35 -32.25
C LEU A 221 3.74 11.58 -33.39
N LYS A 222 3.95 12.84 -33.75
CA LYS A 222 4.95 13.19 -34.75
C LYS A 222 6.35 12.80 -34.24
N LEU A 223 6.59 13.08 -32.97
CA LEU A 223 7.89 12.83 -32.35
C LEU A 223 8.12 11.36 -32.05
N PHE A 224 7.10 10.67 -31.55
CA PHE A 224 7.27 9.30 -31.10
C PHE A 224 6.30 8.33 -31.79
N SER A 225 5.55 7.58 -30.98
CA SER A 225 4.59 6.61 -31.50
C SER A 225 3.37 6.59 -30.61
N GLU A 226 2.31 5.91 -31.05
CA GLU A 226 1.10 5.75 -30.26
C GLU A 226 1.36 4.87 -29.04
N LYS A 227 2.20 3.85 -29.23
CA LYS A 227 2.54 2.91 -28.16
C LYS A 227 3.15 3.61 -26.95
N LYS A 228 4.06 4.55 -27.20
CA LYS A 228 4.68 5.31 -26.13
C LYS A 228 3.73 6.34 -25.54
N PHE A 229 2.75 6.78 -26.33
CA PHE A 229 1.73 7.67 -25.83
C PHE A 229 0.85 6.92 -24.83
N ILE A 230 0.46 5.71 -25.20
CA ILE A 230 -0.39 4.87 -24.37
C ILE A 230 0.28 4.52 -23.04
N SER A 231 1.57 4.18 -23.10
CA SER A 231 2.33 3.88 -21.88
C SER A 231 2.47 5.11 -21.00
N LEU A 232 2.68 6.27 -21.62
CA LEU A 232 2.83 7.52 -20.88
C LEU A 232 1.48 7.96 -20.32
N ASP A 233 0.43 7.76 -21.10
CA ASP A 233 -0.91 8.16 -20.71
C ASP A 233 -1.44 7.30 -19.57
N ASP A 234 -1.26 6.00 -19.68
CA ASP A 234 -1.69 5.07 -18.63
C ASP A 234 -0.84 5.19 -17.38
N GLY A 235 0.45 5.48 -17.56
CA GLY A 235 1.35 5.65 -16.43
C GLY A 235 0.96 6.82 -15.56
N TRP A 236 0.61 7.94 -16.19
CA TRP A 236 0.17 9.12 -15.46
C TRP A 236 -1.20 8.90 -14.83
N SER A 237 -2.05 8.14 -15.51
CA SER A 237 -3.36 7.79 -14.96
C SER A 237 -3.22 7.05 -13.63
N ARG A 238 -2.30 6.09 -13.58
CA ARG A 238 -2.07 5.32 -12.37
C ARG A 238 -1.46 6.18 -11.27
N LYS A 239 -0.52 7.05 -11.65
CA LYS A 239 0.12 7.94 -10.68
C LYS A 239 -0.87 8.93 -10.08
N ILE A 240 -1.79 9.44 -10.91
CA ILE A 240 -2.84 10.33 -10.44
C ILE A 240 -3.75 9.61 -9.45
N LYS A 241 -4.13 8.39 -9.79
CA LYS A 241 -5.01 7.58 -8.94
C LYS A 241 -4.34 7.20 -7.62
N ASP A 242 -3.07 6.81 -7.69
CA ASP A 242 -2.36 6.33 -6.51
C ASP A 242 -1.87 7.44 -5.60
N SER A 243 -1.55 8.59 -6.17
CA SER A 243 -1.13 9.74 -5.38
C SER A 243 -2.31 10.30 -4.58
N LYS A 244 -3.50 10.18 -5.16
CA LYS A 244 -4.72 10.66 -4.52
C LYS A 244 -5.02 9.87 -3.25
N ARG A 245 -4.89 8.54 -3.33
CA ARG A 245 -5.17 7.67 -2.20
C ARG A 245 -3.91 7.36 -1.38
N LYS A 246 -2.86 8.14 -1.63
CA LYS A 246 -1.62 8.07 -0.85
C LYS A 246 -0.88 6.72 -0.93
N MET A 247 -1.19 5.91 -1.94
CA MET A 247 -0.47 4.66 -2.12
CA MET A 247 -0.48 4.65 -2.17
C MET A 247 0.95 4.94 -2.59
N GLN A 248 1.07 5.81 -3.60
CA GLN A 248 2.37 6.28 -4.07
C GLN A 248 2.50 7.75 -3.68
N ARG A 249 3.55 8.07 -2.92
CA ARG A 249 3.65 9.39 -2.29
C ARG A 249 4.83 10.22 -2.79
N TRP A 250 4.72 11.53 -2.64
CA TRP A 250 5.76 12.45 -3.05
C TRP A 250 6.36 13.12 -1.81
N GLY A 251 7.56 12.70 -1.43
CA GLY A 251 8.18 13.19 -0.22
C GLY A 251 9.08 14.39 -0.43
N TYR A 252 8.99 15.36 0.48
CA TYR A 252 9.88 16.51 0.51
C TYR A 252 10.74 16.40 1.75
N PHE A 253 12.03 16.66 1.61
CA PHE A 253 12.94 16.53 2.75
C PHE A 253 13.98 17.63 2.78
N LYS A 254 13.97 18.40 3.86
CA LYS A 254 14.96 19.46 4.08
C LYS A 254 15.62 19.27 5.44
N ALA A 255 16.94 19.32 5.47
CA ALA A 255 17.69 19.12 6.70
C ALA A 255 19.02 19.85 6.67
N THR A 256 19.59 20.08 7.84
CA THR A 256 20.89 20.74 7.95
C THR A 256 21.88 19.87 8.72
N LYS A 257 23.17 20.15 8.55
CA LYS A 257 24.22 19.38 9.22
C LYS A 257 24.32 19.76 10.70
N ASN A 258 23.98 21.00 11.01
CA ASN A 258 24.03 21.49 12.38
C ASN A 258 22.85 22.39 12.72
N SER B 1 -34.00 -18.57 3.13
CA SER B 1 -33.46 -18.89 1.81
C SER B 1 -31.94 -19.02 1.87
N ASP B 2 -31.25 -17.89 1.84
CA ASP B 2 -29.80 -17.88 2.06
C ASP B 2 -29.51 -18.35 3.48
N LYS B 3 -30.41 -18.00 4.40
CA LYS B 3 -30.34 -18.45 5.78
C LYS B 3 -30.43 -19.98 5.82
N THR B 4 -31.41 -20.53 5.13
CA THR B 4 -31.60 -21.97 5.05
C THR B 4 -30.40 -22.67 4.42
N PHE B 5 -29.86 -22.08 3.35
CA PHE B 5 -28.72 -22.67 2.66
C PHE B 5 -27.49 -22.82 3.55
N LEU B 6 -27.17 -21.77 4.31
CA LEU B 6 -26.01 -21.78 5.18
C LEU B 6 -26.22 -22.70 6.38
N GLU B 7 -27.44 -22.73 6.91
CA GLU B 7 -27.76 -23.53 8.08
C GLU B 7 -27.77 -25.02 7.78
N ASN B 8 -28.23 -25.37 6.58
CA ASN B 8 -28.40 -26.78 6.22
C ASN B 8 -27.18 -27.39 5.53
N ASN B 9 -26.16 -26.58 5.29
CA ASN B 9 -24.97 -27.06 4.59
C ASN B 9 -23.66 -26.74 5.30
N GLN B 10 -23.04 -25.62 4.94
CA GLN B 10 -21.74 -25.26 5.49
C GLN B 10 -21.77 -25.05 7.00
N TYR B 11 -22.83 -24.43 7.50
CA TYR B 11 -22.92 -24.12 8.92
C TYR B 11 -24.02 -24.91 9.64
N THR B 12 -23.97 -26.22 9.50
CA THR B 12 -24.78 -27.09 10.36
C THR B 12 -24.11 -27.11 11.73
N ASP B 13 -24.82 -27.59 12.74
CA ASP B 13 -24.25 -27.65 14.08
C ASP B 13 -22.93 -28.42 14.10
N GLU B 14 -22.93 -29.61 13.49
CA GLU B 14 -21.72 -30.41 13.41
C GLU B 14 -20.69 -29.79 12.47
N GLY B 15 -21.17 -29.11 11.44
CA GLY B 15 -20.29 -28.45 10.49
C GLY B 15 -19.50 -27.32 11.13
N VAL B 16 -20.13 -26.62 12.07
CA VAL B 16 -19.49 -25.54 12.79
C VAL B 16 -18.50 -26.09 13.83
N LYS B 17 -18.92 -27.17 14.51
CA LYS B 17 -18.08 -27.82 15.50
C LYS B 17 -16.77 -28.32 14.90
N VAL B 18 -16.85 -28.86 13.68
CA VAL B 18 -15.66 -29.31 12.95
C VAL B 18 -14.76 -28.11 12.67
N TYR B 19 -15.35 -27.04 12.17
CA TYR B 19 -14.63 -25.81 11.91
C TYR B 19 -13.96 -25.26 13.17
N GLU B 20 -14.69 -25.31 14.28
CA GLU B 20 -14.18 -24.81 15.55
C GLU B 20 -12.98 -25.59 16.05
N PHE B 21 -12.98 -26.90 15.78
CA PHE B 21 -11.89 -27.78 16.20
C PHE B 21 -10.54 -27.32 15.67
N ILE B 22 -10.51 -26.94 14.40
CA ILE B 22 -9.27 -26.57 13.72
C ILE B 22 -8.96 -25.08 13.84
N PHE B 23 -10.00 -24.25 13.88
CA PHE B 23 -9.82 -22.81 13.99
C PHE B 23 -9.50 -22.39 15.43
N GLY B 24 -10.13 -23.06 16.38
CA GLY B 24 -9.99 -22.73 17.78
C GLY B 24 -11.35 -22.51 18.42
N GLU B 25 -11.41 -22.65 19.74
CA GLU B 25 -12.64 -22.49 20.49
C GLU B 25 -13.31 -21.14 20.21
N ASN B 26 -14.61 -21.18 19.91
CA ASN B 26 -15.44 -20.00 19.64
C ASN B 26 -15.12 -19.27 18.34
N TYR B 27 -14.46 -19.95 17.40
CA TYR B 27 -14.11 -19.32 16.13
C TYR B 27 -14.47 -20.16 14.90
N ILE B 28 -14.83 -19.48 13.81
CA ILE B 28 -15.10 -20.14 12.54
C ILE B 28 -14.30 -19.49 11.41
N SER B 29 -13.15 -18.92 11.76
CA SER B 29 -12.26 -18.32 10.77
C SER B 29 -10.78 -18.55 11.13
N SER B 30 -9.90 -18.42 10.13
CA SER B 30 -8.48 -18.75 10.30
C SER B 30 -7.77 -17.89 11.33
N GLY B 31 -6.85 -18.52 12.06
CA GLY B 31 -6.06 -17.85 13.08
C GLY B 31 -6.74 -17.86 14.44
N GLY B 32 -8.07 -17.93 14.44
CA GLY B 32 -8.84 -17.96 15.66
C GLY B 32 -8.59 -16.77 16.57
N LEU B 33 -8.22 -17.04 17.81
CA LEU B 33 -7.98 -16.00 18.80
C LEU B 33 -6.71 -15.22 18.49
N GLU B 34 -5.68 -15.91 18.02
CA GLU B 34 -4.38 -15.30 17.80
C GLU B 34 -4.35 -14.32 16.63
N ALA B 35 -5.15 -14.58 15.59
CA ALA B 35 -5.25 -13.67 14.47
C ALA B 35 -6.08 -12.45 14.85
N THR B 36 -7.17 -12.70 15.57
CA THR B 36 -8.03 -11.64 16.08
C THR B 36 -7.22 -10.64 16.91
N LYS B 37 -6.31 -11.16 17.72
CA LYS B 37 -5.43 -10.32 18.53
C LYS B 37 -4.56 -9.41 17.65
N LYS B 38 -4.07 -9.95 16.54
CA LYS B 38 -3.24 -9.19 15.62
C LYS B 38 -4.07 -8.14 14.88
N ILE B 39 -5.25 -8.54 14.45
CA ILE B 39 -6.16 -7.66 13.70
C ILE B 39 -6.60 -6.46 14.54
N LEU B 40 -6.74 -6.67 15.84
CA LEU B 40 -7.19 -5.61 16.75
C LEU B 40 -6.05 -4.95 17.52
N SER B 41 -4.81 -5.22 17.11
CA SER B 41 -3.64 -4.73 17.83
C SER B 41 -3.50 -3.21 17.78
N ASP B 42 -4.05 -2.58 16.75
CA ASP B 42 -3.95 -1.13 16.60
C ASP B 42 -5.30 -0.43 16.77
N ILE B 43 -6.28 -1.18 17.27
CA ILE B 43 -7.63 -0.64 17.49
C ILE B 43 -7.77 -0.10 18.91
N GLU B 44 -8.25 1.14 19.03
CA GLU B 44 -8.46 1.77 20.33
C GLU B 44 -9.94 1.91 20.67
N LEU B 45 -10.37 1.22 21.72
CA LEU B 45 -11.74 1.29 22.20
C LEU B 45 -11.73 1.27 23.73
N ASN B 46 -12.84 1.65 24.35
CA ASN B 46 -12.97 1.53 25.81
C ASN B 46 -14.34 1.02 26.22
N GLU B 47 -14.65 1.12 27.50
CA GLU B 47 -15.90 0.58 28.04
C GLU B 47 -17.15 1.28 27.49
N ASN B 48 -16.95 2.45 26.90
CA ASN B 48 -18.07 3.23 26.36
C ASN B 48 -18.26 3.03 24.86
N SER B 49 -17.39 2.24 24.25
CA SER B 49 -17.43 2.01 22.81
C SER B 49 -18.52 1.02 22.40
N LYS B 50 -19.14 1.28 21.25
CA LYS B 50 -20.16 0.39 20.70
C LYS B 50 -19.65 -0.28 19.42
N VAL B 51 -19.65 -1.61 19.43
CA VAL B 51 -19.09 -2.37 18.32
C VAL B 51 -20.13 -3.27 17.64
N LEU B 52 -20.11 -3.30 16.31
CA LEU B 52 -20.96 -4.19 15.55
C LEU B 52 -20.14 -5.31 14.92
N ASP B 53 -20.55 -6.55 15.18
CA ASP B 53 -19.88 -7.70 14.60
C ASP B 53 -20.76 -8.36 13.55
N ILE B 54 -20.44 -8.13 12.27
CA ILE B 54 -21.20 -8.70 11.17
C ILE B 54 -20.72 -10.12 10.88
N GLY B 55 -21.63 -11.08 11.04
CA GLY B 55 -21.26 -12.49 10.96
C GLY B 55 -20.42 -12.87 12.15
N SER B 56 -21.03 -12.80 13.33
CA SER B 56 -20.31 -12.99 14.59
C SER B 56 -19.98 -14.45 14.92
N GLY B 57 -20.67 -15.37 14.25
CA GLY B 57 -20.40 -16.79 14.44
C GLY B 57 -20.58 -17.29 15.85
N LEU B 58 -19.60 -18.02 16.36
CA LEU B 58 -19.67 -18.54 17.72
C LEU B 58 -19.39 -17.47 18.77
N GLY B 59 -19.05 -16.27 18.31
CA GLY B 59 -18.94 -15.11 19.18
C GLY B 59 -17.57 -14.83 19.74
N GLY B 60 -16.57 -15.59 19.30
CA GLY B 60 -15.21 -15.44 19.78
C GLY B 60 -14.67 -14.03 19.61
N GLY B 61 -15.05 -13.38 18.52
CA GLY B 61 -14.62 -12.02 18.25
C GLY B 61 -15.22 -11.02 19.24
N CYS B 62 -16.50 -11.21 19.56
CA CYS B 62 -17.17 -10.34 20.52
C CYS B 62 -16.68 -10.57 21.94
N MET B 63 -16.32 -11.82 22.25
CA MET B 63 -15.80 -12.16 23.56
C MET B 63 -14.48 -11.45 23.81
N TYR B 64 -13.63 -11.43 22.79
CA TYR B 64 -12.31 -10.83 22.90
C TYR B 64 -12.36 -9.31 22.95
N ILE B 65 -13.17 -8.71 22.07
CA ILE B 65 -13.32 -7.26 22.03
C ILE B 65 -13.82 -6.73 23.37
N ASN B 66 -14.79 -7.46 23.95
CA ASN B 66 -15.31 -7.09 25.26
C ASN B 66 -14.29 -7.30 26.38
N GLU B 67 -13.52 -8.37 26.29
CA GLU B 67 -12.50 -8.65 27.30
C GLU B 67 -11.39 -7.61 27.27
N LYS B 68 -10.94 -7.26 26.07
CA LYS B 68 -9.81 -6.36 25.89
C LYS B 68 -10.18 -4.89 26.17
N TYR B 69 -11.33 -4.47 25.66
CA TYR B 69 -11.72 -3.06 25.73
C TYR B 69 -12.81 -2.78 26.76
N GLY B 70 -13.65 -3.77 27.03
CA GLY B 70 -14.79 -3.57 27.92
C GLY B 70 -15.95 -2.94 27.16
N ALA B 71 -15.84 -2.98 25.83
CA ALA B 71 -16.80 -2.29 24.96
C ALA B 71 -18.12 -3.05 24.80
N HIS B 72 -19.17 -2.32 24.44
CA HIS B 72 -20.45 -2.94 24.11
C HIS B 72 -20.33 -3.63 22.74
N THR B 73 -20.60 -4.93 22.72
CA THR B 73 -20.48 -5.69 21.48
C THR B 73 -21.82 -6.29 21.04
N HIS B 74 -22.23 -5.97 19.82
CA HIS B 74 -23.47 -6.51 19.25
C HIS B 74 -23.13 -7.35 18.02
N GLY B 75 -23.47 -8.63 18.08
CA GLY B 75 -23.17 -9.54 16.99
C GLY B 75 -24.40 -9.91 16.16
N ILE B 76 -24.25 -9.84 14.84
CA ILE B 76 -25.32 -10.20 13.93
C ILE B 76 -24.90 -11.39 13.08
N ASP B 77 -25.70 -12.46 13.12
CA ASP B 77 -25.44 -13.65 12.31
C ASP B 77 -26.75 -14.20 11.76
N ILE B 78 -26.76 -14.50 10.46
CA ILE B 78 -27.98 -14.94 9.78
C ILE B 78 -28.43 -16.34 10.22
N CYS B 79 -27.51 -17.14 10.74
CA CYS B 79 -27.82 -18.52 11.13
C CYS B 79 -28.27 -18.62 12.59
N SER B 80 -29.50 -19.08 12.79
CA SER B 80 -30.08 -19.17 14.13
C SER B 80 -29.36 -20.16 15.02
N ASN B 81 -29.05 -21.34 14.47
CA ASN B 81 -28.39 -22.40 15.23
C ASN B 81 -27.02 -21.99 15.76
N ILE B 82 -26.31 -21.19 14.98
CA ILE B 82 -25.00 -20.70 15.39
C ILE B 82 -25.14 -19.68 16.53
N VAL B 83 -26.15 -18.82 16.41
CA VAL B 83 -26.43 -17.83 17.45
C VAL B 83 -26.81 -18.53 18.76
N ASN B 84 -27.58 -19.61 18.65
CA ASN B 84 -27.95 -20.40 19.81
C ASN B 84 -26.74 -21.00 20.52
N MET B 85 -25.76 -21.45 19.75
CA MET B 85 -24.52 -21.98 20.30
C MET B 85 -23.71 -20.87 20.98
N ALA B 86 -23.73 -19.68 20.38
CA ALA B 86 -22.99 -18.55 20.90
C ALA B 86 -23.56 -18.04 22.23
N ASN B 87 -24.86 -18.15 22.40
CA ASN B 87 -25.52 -17.73 23.63
C ASN B 87 -25.30 -18.71 24.79
N GLU B 88 -24.77 -19.89 24.46
CA GLU B 88 -24.47 -20.89 25.49
C GLU B 88 -23.06 -20.70 26.03
N ARG B 89 -22.24 -19.96 25.29
CA ARG B 89 -20.84 -19.73 25.66
C ARG B 89 -20.66 -18.38 26.35
N VAL B 90 -21.74 -17.61 26.43
CA VAL B 90 -21.73 -16.30 27.09
C VAL B 90 -22.92 -16.16 28.03
N SER B 91 -22.65 -15.75 29.27
CA SER B 91 -23.71 -15.57 30.24
C SER B 91 -23.37 -14.45 31.24
N GLY B 92 -24.41 -13.74 31.69
CA GLY B 92 -24.25 -12.71 32.71
C GLY B 92 -23.48 -11.48 32.26
N ASN B 93 -23.33 -11.31 30.95
CA ASN B 93 -22.62 -10.15 30.40
C ASN B 93 -23.54 -9.32 29.52
N ASN B 94 -24.04 -8.21 30.06
CA ASN B 94 -25.00 -7.37 29.35
C ASN B 94 -24.38 -6.48 28.28
N LYS B 95 -23.07 -6.62 28.09
CA LYS B 95 -22.37 -5.84 27.07
C LYS B 95 -21.99 -6.74 25.88
N ILE B 96 -22.48 -7.98 25.90
CA ILE B 96 -22.35 -8.89 24.77
C ILE B 96 -23.73 -9.35 24.33
N ILE B 97 -24.11 -8.99 23.10
CA ILE B 97 -25.43 -9.35 22.57
C ILE B 97 -25.31 -10.00 21.21
N PHE B 98 -25.87 -11.21 21.09
CA PHE B 98 -25.91 -11.90 19.80
C PHE B 98 -27.33 -11.93 19.25
N GLU B 99 -27.47 -11.72 17.95
CA GLU B 99 -28.78 -11.63 17.32
C GLU B 99 -28.85 -12.38 16.00
N ALA B 100 -29.84 -13.27 15.87
CA ALA B 100 -30.06 -14.00 14.64
C ALA B 100 -30.83 -13.13 13.64
N ASN B 101 -30.13 -12.62 12.64
CA ASN B 101 -30.75 -11.75 11.65
C ASN B 101 -29.87 -11.57 10.41
N ASP B 102 -30.50 -11.29 9.27
CA ASP B 102 -29.75 -10.94 8.07
C ASP B 102 -29.26 -9.51 8.23
N ILE B 103 -27.97 -9.31 8.00
CA ILE B 103 -27.36 -8.00 8.14
C ILE B 103 -27.87 -7.02 7.08
N LEU B 104 -28.44 -7.56 6.01
CA LEU B 104 -28.92 -6.76 4.89
C LEU B 104 -30.30 -6.16 5.15
N THR B 105 -31.02 -6.74 6.10
CA THR B 105 -32.35 -6.26 6.44
C THR B 105 -32.38 -5.64 7.83
N LYS B 106 -31.25 -5.71 8.53
CA LYS B 106 -31.14 -5.17 9.88
C LYS B 106 -31.01 -3.65 9.86
N GLU B 107 -31.77 -2.97 10.72
CA GLU B 107 -31.70 -1.52 10.80
C GLU B 107 -30.91 -1.04 12.01
N PHE B 108 -30.03 -0.09 11.79
CA PHE B 108 -29.28 0.55 12.87
C PHE B 108 -29.36 2.06 12.74
N PRO B 109 -29.32 2.79 13.87
CA PRO B 109 -29.32 4.25 13.84
C PRO B 109 -28.11 4.79 13.09
N GLU B 110 -28.25 5.93 12.43
CA GLU B 110 -27.11 6.56 11.75
C GLU B 110 -26.12 7.09 12.78
N ASN B 111 -24.83 7.00 12.46
CA ASN B 111 -23.77 7.45 13.35
C ASN B 111 -23.83 6.76 14.72
N ASN B 112 -23.79 5.43 14.71
CA ASN B 112 -24.00 4.65 15.94
C ASN B 112 -22.77 3.90 16.45
N PHE B 113 -22.01 3.29 15.54
CA PHE B 113 -20.91 2.42 15.95
C PHE B 113 -19.54 3.10 15.89
N ASP B 114 -18.71 2.85 16.90
CA ASP B 114 -17.33 3.31 16.90
C ASP B 114 -16.49 2.37 16.04
N LEU B 115 -16.90 1.10 16.02
CA LEU B 115 -16.21 0.10 15.22
C LEU B 115 -17.19 -0.92 14.61
N ILE B 116 -17.16 -1.02 13.29
CA ILE B 116 -17.89 -2.09 12.61
C ILE B 116 -16.87 -3.14 12.18
N TYR B 117 -17.11 -4.38 12.61
CA TYR B 117 -16.11 -5.43 12.57
C TYR B 117 -16.67 -6.70 11.94
N SER B 118 -15.98 -7.24 10.94
CA SER B 118 -16.47 -8.44 10.26
C SER B 118 -15.34 -9.33 9.78
N ARG B 119 -15.45 -10.62 10.09
CA ARG B 119 -14.43 -11.59 9.74
C ARG B 119 -15.04 -12.76 8.96
N ALA B 120 -14.56 -12.97 7.75
CA ALA B 120 -14.93 -14.12 6.93
C ALA B 120 -16.45 -14.28 6.75
N ALA B 121 -17.14 -13.17 6.56
CA ALA B 121 -18.60 -13.19 6.47
C ALA B 121 -19.14 -12.62 5.17
N ILE B 122 -18.53 -11.54 4.69
CA ILE B 122 -19.04 -10.81 3.53
C ILE B 122 -18.83 -11.59 2.22
N LEU B 123 -17.98 -12.61 2.27
CA LEU B 123 -17.76 -13.48 1.11
C LEU B 123 -19.03 -14.18 0.66
N HIS B 124 -19.96 -14.39 1.60
CA HIS B 124 -21.23 -15.03 1.30
C HIS B 124 -22.17 -14.11 0.52
N LEU B 125 -22.00 -12.80 0.71
CA LEU B 125 -22.86 -11.82 0.05
C LEU B 125 -22.53 -11.65 -1.43
N SER B 126 -23.57 -11.49 -2.24
CA SER B 126 -23.39 -11.21 -3.66
C SER B 126 -22.77 -9.83 -3.83
N LEU B 127 -22.20 -9.57 -5.00
CA LEU B 127 -21.55 -8.30 -5.27
C LEU B 127 -22.50 -7.12 -5.06
N GLU B 128 -23.74 -7.28 -5.49
CA GLU B 128 -24.76 -6.24 -5.31
C GLU B 128 -25.01 -5.98 -3.83
N ASN B 129 -25.00 -7.06 -3.04
CA ASN B 129 -25.26 -6.95 -1.61
C ASN B 129 -24.04 -6.50 -0.80
N LYS B 130 -22.84 -6.73 -1.32
CA LYS B 130 -21.63 -6.18 -0.71
C LYS B 130 -21.73 -4.66 -0.75
N ASN B 131 -22.14 -4.13 -1.89
CA ASN B 131 -22.33 -2.70 -2.05
C ASN B 131 -23.38 -2.13 -1.11
N LYS B 132 -24.51 -2.82 -1.01
CA LYS B 132 -25.60 -2.37 -0.15
C LYS B 132 -25.18 -2.38 1.32
N LEU B 133 -24.35 -3.36 1.69
CA LEU B 133 -23.89 -3.48 3.06
C LEU B 133 -22.94 -2.35 3.45
N PHE B 134 -21.95 -2.09 2.60
CA PHE B 134 -20.95 -1.07 2.88
C PHE B 134 -21.55 0.34 2.85
N GLN B 135 -22.65 0.51 2.14
CA GLN B 135 -23.40 1.75 2.19
C GLN B 135 -24.04 1.90 3.57
N LYS B 136 -24.62 0.81 4.04
CA LYS B 136 -25.26 0.78 5.36
C LYS B 136 -24.22 0.95 6.46
N CYS B 137 -23.06 0.30 6.30
CA CYS B 137 -21.98 0.42 7.28
C CYS B 137 -21.52 1.86 7.41
N TYR B 138 -21.44 2.56 6.29
CA TYR B 138 -21.05 3.96 6.29
C TYR B 138 -22.06 4.81 7.06
N LYS B 139 -23.34 4.48 6.91
CA LYS B 139 -24.40 5.16 7.65
C LYS B 139 -24.31 4.85 9.14
N TRP B 140 -24.05 3.58 9.46
CA TRP B 140 -24.07 3.11 10.85
C TRP B 140 -22.86 3.55 11.66
N LEU B 141 -21.76 3.85 10.99
CA LEU B 141 -20.54 4.28 11.66
C LEU B 141 -20.68 5.70 12.23
N LYS B 142 -20.14 5.90 13.43
CA LYS B 142 -20.00 7.23 13.98
C LYS B 142 -18.99 7.98 13.10
N PRO B 143 -19.07 9.32 13.08
CA PRO B 143 -18.12 10.13 12.31
C PRO B 143 -16.66 9.81 12.63
N THR B 144 -16.41 9.38 13.87
CA THR B 144 -15.07 8.96 14.27
C THR B 144 -14.92 7.45 14.20
N GLY B 145 -15.88 6.79 13.56
CA GLY B 145 -15.91 5.35 13.51
C GLY B 145 -14.86 4.71 12.63
N THR B 146 -14.68 3.40 12.79
CA THR B 146 -13.71 2.65 12.01
C THR B 146 -14.32 1.35 11.48
N LEU B 147 -14.07 1.06 10.21
CA LEU B 147 -14.51 -0.19 9.60
C LEU B 147 -13.33 -1.16 9.51
N LEU B 148 -13.51 -2.37 10.02
CA LEU B 148 -12.44 -3.37 10.03
C LEU B 148 -12.93 -4.69 9.45
N ILE B 149 -12.33 -5.10 8.34
CA ILE B 149 -12.78 -6.29 7.60
C ILE B 149 -11.65 -7.25 7.27
N THR B 150 -11.88 -8.54 7.49
CA THR B 150 -11.07 -9.59 6.90
C THR B 150 -12.00 -10.53 6.14
N ASP B 151 -11.61 -10.89 4.92
CA ASP B 151 -12.50 -11.63 4.05
C ASP B 151 -11.72 -12.44 3.01
N TYR B 152 -12.36 -13.47 2.46
CA TYR B 152 -11.78 -14.20 1.34
C TYR B 152 -11.84 -13.34 0.09
N CYS B 153 -10.70 -13.17 -0.57
CA CYS B 153 -10.67 -12.53 -1.88
C CYS B 153 -10.10 -13.51 -2.90
N ALA B 154 -9.90 -13.05 -4.13
CA ALA B 154 -9.37 -13.92 -5.17
C ALA B 154 -8.69 -13.12 -6.27
N THR B 155 -7.91 -13.82 -7.09
CA THR B 155 -7.36 -13.22 -8.30
C THR B 155 -8.51 -13.03 -9.29
N GLU B 156 -8.22 -12.43 -10.43
CA GLU B 156 -9.25 -12.22 -11.45
C GLU B 156 -9.89 -13.55 -11.84
N LYS B 157 -11.19 -13.49 -12.15
CA LYS B 157 -11.97 -14.69 -12.47
C LYS B 157 -11.39 -15.41 -13.68
N GLU B 158 -10.66 -14.68 -14.52
CA GLU B 158 -10.04 -15.21 -15.71
C GLU B 158 -8.93 -16.20 -15.39
N ASN B 159 -8.42 -16.13 -14.16
CA ASN B 159 -7.30 -16.97 -13.74
C ASN B 159 -7.71 -18.18 -12.89
N TRP B 160 -9.01 -18.32 -12.63
CA TRP B 160 -9.51 -19.43 -11.82
C TRP B 160 -9.38 -20.76 -12.58
N ASP B 161 -8.91 -21.79 -11.88
CA ASP B 161 -8.87 -23.13 -12.47
C ASP B 161 -10.13 -23.91 -12.14
N ASP B 162 -10.22 -25.15 -12.62
CA ASP B 162 -11.44 -25.95 -12.47
C ASP B 162 -11.78 -26.31 -11.03
N GLU B 163 -10.76 -26.55 -10.21
CA GLU B 163 -11.01 -26.91 -8.82
C GLU B 163 -11.50 -25.71 -8.00
N PHE B 164 -10.90 -24.55 -8.24
CA PHE B 164 -11.28 -23.34 -7.51
C PHE B 164 -12.66 -22.86 -7.93
N LYS B 165 -12.96 -22.95 -9.22
CA LYS B 165 -14.28 -22.59 -9.73
C LYS B 165 -15.37 -23.41 -9.06
N GLU B 166 -15.13 -24.72 -8.96
CA GLU B 166 -16.07 -25.63 -8.31
C GLU B 166 -16.20 -25.30 -6.82
N TYR B 167 -15.08 -25.00 -6.19
CA TYR B 167 -15.05 -24.63 -4.78
C TYR B 167 -15.91 -23.40 -4.50
N VAL B 168 -15.68 -22.34 -5.26
CA VAL B 168 -16.45 -21.10 -5.13
C VAL B 168 -17.93 -21.36 -5.41
N LYS B 169 -18.20 -22.17 -6.42
CA LYS B 169 -19.57 -22.49 -6.84
C LYS B 169 -20.36 -23.22 -5.76
N GLN B 170 -19.78 -24.31 -5.24
CA GLN B 170 -20.47 -25.13 -4.24
C GLN B 170 -20.63 -24.41 -2.91
N ARG B 171 -19.73 -23.49 -2.62
CA ARG B 171 -19.81 -22.67 -1.40
C ARG B 171 -20.77 -21.51 -1.59
N LYS B 172 -21.12 -21.23 -2.84
CA LYS B 172 -21.90 -20.04 -3.21
C LYS B 172 -21.21 -18.76 -2.74
N TYR B 173 -19.89 -18.78 -2.71
CA TYR B 173 -19.10 -17.60 -2.39
C TYR B 173 -19.14 -16.62 -3.55
N THR B 174 -19.06 -15.32 -3.23
CA THR B 174 -18.81 -14.31 -4.25
C THR B 174 -17.47 -13.66 -3.94
N LEU B 175 -16.43 -14.11 -4.66
CA LEU B 175 -15.08 -13.65 -4.38
C LEU B 175 -14.60 -12.66 -5.43
N ILE B 176 -14.27 -11.45 -4.98
CA ILE B 176 -13.74 -10.42 -5.85
C ILE B 176 -12.28 -10.13 -5.47
N THR B 177 -11.60 -9.35 -6.30
CA THR B 177 -10.20 -9.02 -6.03
C THR B 177 -10.10 -8.02 -4.89
N VAL B 178 -8.92 -7.95 -4.27
CA VAL B 178 -8.67 -7.01 -3.18
CA VAL B 178 -8.73 -7.02 -3.16
C VAL B 178 -8.81 -5.58 -3.67
N GLU B 179 -8.49 -5.37 -4.95
CA GLU B 179 -8.59 -4.06 -5.56
C GLU B 179 -10.04 -3.62 -5.75
N GLU B 180 -10.89 -4.58 -6.13
CA GLU B 180 -12.32 -4.32 -6.31
C GLU B 180 -12.99 -4.09 -4.97
N TYR B 181 -12.49 -4.78 -3.94
CA TYR B 181 -12.99 -4.64 -2.59
C TYR B 181 -12.74 -3.21 -2.08
N ALA B 182 -11.53 -2.72 -2.35
CA ALA B 182 -11.15 -1.37 -1.93
C ALA B 182 -11.91 -0.29 -2.69
N ASP B 183 -12.15 -0.53 -3.98
CA ASP B 183 -12.90 0.43 -4.80
C ASP B 183 -14.33 0.57 -4.32
N ILE B 184 -14.90 -0.53 -3.85
CA ILE B 184 -16.25 -0.51 -3.28
C ILE B 184 -16.28 0.40 -2.06
N LEU B 185 -15.31 0.21 -1.17
CA LEU B 185 -15.22 1.02 0.04
C LEU B 185 -15.02 2.49 -0.28
N THR B 186 -14.21 2.79 -1.28
CA THR B 186 -13.98 4.16 -1.72
C THR B 186 -15.24 4.73 -2.36
N ALA B 187 -15.88 3.96 -3.23
CA ALA B 187 -17.14 4.37 -3.85
C ALA B 187 -18.22 4.57 -2.78
N CYS B 188 -18.08 3.89 -1.64
CA CYS B 188 -18.98 4.06 -0.51
C CYS B 188 -18.53 5.20 0.39
N ASN B 189 -17.65 6.03 -0.14
CA ASN B 189 -17.20 7.27 0.49
C ASN B 189 -16.44 7.08 1.79
N PHE B 190 -15.90 5.88 2.01
CA PHE B 190 -15.04 5.63 3.17
C PHE B 190 -13.70 6.32 2.94
N LYS B 191 -13.14 6.90 3.99
CA LYS B 191 -11.85 7.59 3.91
C LYS B 191 -10.74 6.69 4.46
N ASN B 192 -9.49 7.04 4.14
CA ASN B 192 -8.32 6.31 4.63
C ASN B 192 -8.39 4.81 4.38
N VAL B 193 -8.91 4.42 3.22
CA VAL B 193 -9.06 3.02 2.87
C VAL B 193 -7.71 2.33 2.78
N VAL B 194 -7.51 1.31 3.61
CA VAL B 194 -6.27 0.53 3.61
C VAL B 194 -6.57 -0.94 3.33
N SER B 195 -5.97 -1.46 2.27
CA SER B 195 -6.18 -2.86 1.90
CA SER B 195 -6.18 -2.86 1.90
C SER B 195 -4.86 -3.64 1.91
N LYS B 196 -4.84 -4.73 2.68
CA LYS B 196 -3.65 -5.56 2.77
C LYS B 196 -3.90 -6.96 2.24
N ASP B 197 -3.13 -7.37 1.24
CA ASP B 197 -3.15 -8.76 0.79
C ASP B 197 -2.35 -9.58 1.81
N LEU B 198 -3.06 -10.25 2.72
CA LEU B 198 -2.41 -11.01 3.78
C LEU B 198 -2.33 -12.50 3.46
N SER B 199 -2.26 -12.85 2.19
CA SER B 199 -2.27 -14.25 1.77
C SER B 199 -1.08 -15.05 2.31
N ASP B 200 0.07 -14.39 2.46
CA ASP B 200 1.26 -15.06 2.99
C ASP B 200 1.12 -15.35 4.48
N TYR B 201 0.46 -14.45 5.20
CA TYR B 201 0.18 -14.65 6.62
C TYR B 201 -0.92 -15.69 6.80
N TRP B 202 -1.89 -15.67 5.89
CA TRP B 202 -2.97 -16.66 5.90
C TRP B 202 -2.39 -18.05 5.69
N ASN B 203 -1.41 -18.15 4.81
CA ASN B 203 -0.76 -19.42 4.52
C ASN B 203 -0.08 -20.00 5.75
N GLN B 204 0.56 -19.13 6.54
CA GLN B 204 1.19 -19.54 7.79
C GLN B 204 0.16 -20.08 8.77
N LEU B 205 -0.99 -19.41 8.84
CA LEU B 205 -2.07 -19.85 9.72
C LEU B 205 -2.62 -21.19 9.25
N LEU B 206 -2.75 -21.36 7.94
CA LEU B 206 -3.26 -22.60 7.36
C LEU B 206 -2.33 -23.78 7.66
N GLU B 207 -1.03 -23.54 7.56
CA GLU B 207 -0.04 -24.59 7.82
C GLU B 207 -0.03 -25.02 9.29
N VAL B 208 -0.29 -24.08 10.18
CA VAL B 208 -0.34 -24.37 11.62
C VAL B 208 -1.58 -25.19 11.96
N GLU B 209 -2.72 -24.78 11.41
CA GLU B 209 -3.98 -25.47 11.62
C GLU B 209 -3.96 -26.86 10.98
N HIS B 210 -3.30 -26.98 9.84
CA HIS B 210 -3.17 -28.26 9.15
C HIS B 210 -2.34 -29.21 10.00
N LYS B 211 -1.24 -28.71 10.55
CA LYS B 211 -0.36 -29.47 11.42
C LYS B 211 -1.09 -29.90 12.68
N TYR B 212 -1.89 -28.99 13.24
CA TYR B 212 -2.67 -29.27 14.44
C TYR B 212 -3.69 -30.39 14.17
N LEU B 213 -4.34 -30.32 13.01
CA LEU B 213 -5.35 -31.30 12.63
C LEU B 213 -4.75 -32.70 12.54
N HIS B 214 -3.55 -32.79 11.96
CA HIS B 214 -2.87 -34.07 11.81
C HIS B 214 -2.40 -34.61 13.16
N GLU B 215 -1.86 -33.72 14.00
CA GLU B 215 -1.31 -34.12 15.29
C GLU B 215 -2.39 -34.32 16.35
N ASN B 216 -3.64 -34.12 15.97
CA ASN B 216 -4.77 -34.37 16.86
C ASN B 216 -5.86 -35.18 16.16
N LYS B 217 -5.44 -36.03 15.22
CA LYS B 217 -6.37 -36.83 14.44
C LYS B 217 -7.20 -37.79 15.29
N GLU B 218 -6.55 -38.50 16.21
CA GLU B 218 -7.23 -39.47 17.07
C GLU B 218 -8.32 -38.81 17.91
N GLU B 219 -8.06 -37.59 18.36
CA GLU B 219 -9.04 -36.84 19.13
C GLU B 219 -10.19 -36.38 18.23
N PHE B 220 -9.86 -35.99 17.00
CA PHE B 220 -10.86 -35.57 16.03
C PHE B 220 -11.81 -36.71 15.69
N LEU B 221 -11.25 -37.89 15.46
CA LEU B 221 -12.03 -39.06 15.09
C LEU B 221 -12.99 -39.46 16.20
N LYS B 222 -12.58 -39.24 17.44
CA LYS B 222 -13.41 -39.54 18.59
C LYS B 222 -14.62 -38.61 18.64
N LEU B 223 -14.45 -37.41 18.12
CA LEU B 223 -15.52 -36.41 18.12
C LEU B 223 -16.38 -36.50 16.86
N PHE B 224 -15.77 -36.82 15.73
CA PHE B 224 -16.49 -36.81 14.45
C PHE B 224 -16.34 -38.12 13.69
N SER B 225 -15.82 -38.03 12.47
CA SER B 225 -15.65 -39.22 11.62
C SER B 225 -14.43 -39.10 10.72
N GLU B 226 -14.03 -40.23 10.14
CA GLU B 226 -12.93 -40.25 9.19
C GLU B 226 -13.26 -39.42 7.96
N LYS B 227 -14.52 -39.50 7.55
CA LYS B 227 -15.01 -38.78 6.38
C LYS B 227 -14.87 -37.26 6.55
N LYS B 228 -15.22 -36.76 7.72
CA LYS B 228 -15.11 -35.33 8.00
C LYS B 228 -13.66 -34.88 8.19
N PHE B 229 -12.81 -35.81 8.61
CA PHE B 229 -11.37 -35.51 8.72
C PHE B 229 -10.78 -35.34 7.32
N ILE B 230 -11.11 -36.26 6.44
CA ILE B 230 -10.63 -36.22 5.05
C ILE B 230 -11.05 -34.94 4.33
N SER B 231 -12.32 -34.59 4.47
CA SER B 231 -12.84 -33.36 3.87
C SER B 231 -12.15 -32.12 4.44
N LEU B 232 -11.90 -32.14 5.75
CA LEU B 232 -11.23 -31.03 6.42
C LEU B 232 -9.76 -31.00 6.02
N ASP B 233 -9.16 -32.18 5.88
CA ASP B 233 -7.75 -32.30 5.52
C ASP B 233 -7.53 -31.84 4.09
N ASP B 234 -8.37 -32.32 3.17
CA ASP B 234 -8.27 -31.95 1.76
C ASP B 234 -8.60 -30.47 1.57
N GLY B 235 -9.58 -29.98 2.32
CA GLY B 235 -9.99 -28.59 2.23
C GLY B 235 -8.87 -27.61 2.55
N TRP B 236 -8.12 -27.92 3.59
CA TRP B 236 -6.99 -27.09 3.99
C TRP B 236 -5.83 -27.23 3.00
N SER B 237 -5.67 -28.42 2.44
CA SER B 237 -4.60 -28.67 1.48
CA SER B 237 -4.60 -28.68 1.48
C SER B 237 -4.76 -27.80 0.24
N ARG B 238 -6.00 -27.63 -0.22
CA ARG B 238 -6.27 -26.80 -1.38
C ARG B 238 -6.08 -25.33 -1.04
N LYS B 239 -6.50 -24.94 0.17
CA LYS B 239 -6.34 -23.56 0.62
C LYS B 239 -4.87 -23.19 0.77
N ILE B 240 -4.05 -24.14 1.21
CA ILE B 240 -2.60 -23.93 1.30
C ILE B 240 -2.01 -23.69 -0.08
N LYS B 241 -2.42 -24.52 -1.04
CA LYS B 241 -1.92 -24.44 -2.41
C LYS B 241 -2.35 -23.14 -3.10
N ASP B 242 -3.63 -22.82 -3.01
CA ASP B 242 -4.18 -21.66 -3.72
C ASP B 242 -3.81 -20.33 -3.10
N SER B 243 -3.60 -20.31 -1.78
CA SER B 243 -3.17 -19.09 -1.10
C SER B 243 -1.73 -18.78 -1.48
N LYS B 244 -0.94 -19.83 -1.68
CA LYS B 244 0.47 -19.70 -2.02
C LYS B 244 0.64 -19.09 -3.41
N ARG B 245 -0.21 -19.50 -4.34
CA ARG B 245 -0.16 -18.99 -5.71
C ARG B 245 -1.14 -17.83 -5.92
N LYS B 246 -1.64 -17.28 -4.82
CA LYS B 246 -2.49 -16.09 -4.84
C LYS B 246 -3.80 -16.24 -5.61
N MET B 247 -4.27 -17.48 -5.78
CA MET B 247 -5.54 -17.70 -6.43
CA MET B 247 -5.55 -17.75 -6.41
C MET B 247 -6.68 -17.36 -5.45
N GLN B 248 -6.65 -17.96 -4.28
CA GLN B 248 -7.57 -17.62 -3.20
C GLN B 248 -6.79 -16.74 -2.23
N ARG B 249 -7.32 -15.56 -1.93
CA ARG B 249 -6.60 -14.58 -1.13
CA ARG B 249 -6.59 -14.57 -1.14
C ARG B 249 -7.31 -14.19 0.16
N TRP B 250 -6.53 -13.71 1.12
CA TRP B 250 -7.05 -13.27 2.41
C TRP B 250 -6.88 -11.76 2.54
N GLY B 251 -7.98 -11.04 2.41
CA GLY B 251 -7.94 -9.59 2.40
C GLY B 251 -8.16 -8.95 3.75
N TYR B 252 -7.35 -7.93 4.06
CA TYR B 252 -7.53 -7.12 5.25
C TYR B 252 -7.99 -5.73 4.80
N PHE B 253 -9.01 -5.20 5.46
CA PHE B 253 -9.55 -3.90 5.07
C PHE B 253 -9.87 -3.02 6.28
N LYS B 254 -9.29 -1.82 6.27
CA LYS B 254 -9.54 -0.83 7.32
C LYS B 254 -9.82 0.54 6.72
N ALA B 255 -10.89 1.17 7.19
CA ALA B 255 -11.27 2.49 6.70
C ALA B 255 -12.04 3.25 7.77
N THR B 256 -12.15 4.57 7.60
CA THR B 256 -12.89 5.41 8.52
C THR B 256 -13.95 6.21 7.78
N LYS B 257 -14.97 6.68 8.50
CA LYS B 257 -16.04 7.45 7.91
C LYS B 257 -15.58 8.85 7.53
N ASN B 258 -14.65 9.40 8.33
CA ASN B 258 -14.10 10.73 8.07
C ASN B 258 -12.58 10.74 8.17
#